data_5WTX
#
_entry.id   5WTX
#
_cell.length_a   93.801
_cell.length_b   134.846
_cell.length_c   145.921
_cell.angle_alpha   90.00
_cell.angle_beta   90.00
_cell.angle_gamma   90.00
#
_symmetry.space_group_name_H-M   'I 21 21 21'
#
_entity_poly.entity_id   1
_entity_poly.type   'polypeptide(L)'
_entity_poly.pdbx_seq_one_letter_code
;MGKTKTRGRRHQDKQRKDEFEPSSNSAKEHIQQEESTYNDEAEIKETQPQMFFGVLDREELEYFKQAESTLQLDAFEAPE
EKFQFVTSIIEEAKGKELKLVTSQITSKLMERVILECDETQLKDIFQSFNGVFFGLSCHKYASHVLETLFVRSAALVERE
LLTPSFDNNEKEGPYVTMENMFLFMLNELKPHLKTMMNHQYASHVLRLLILILSSKTLPNSTKANSTLRSKKSKIARKMI
DIKDNDDFNKVYQTPESFKSELRDIITTLYKGFTNGAESRSDISQSTITKFREYSVDKVASPVIQLIIQVEGIFDRDRSF
WRLVFNTADEKDPKEESFLEYLLSDPVGSHFLENVIGSARLKYVERLYRLYMKDRIVKLAKRDTTGAFVVRALLEHLKEK
DVKQILDAVVPELSMLLNSNMDFGTAIINASNKQGGYLRDDVIAQLIQKYYPEKSDAKNILESCLLLSASTLGNTRDDWP
TAEERRRSVFLEQLIDYDDKFLNITIDSMLALPEERLIQMCYHGVFSHVVEHVLQTTRVDIIKRKMLLNILSKESVNLAC
NVYGSHIMDKLWEFTAKLTLYKERIARALVLETEKVKNSIYGRQVWKNWKLELYVRKMWDWKKLIKEQEFEIFPNSKPLQ
PKPEKHSRERNNSKEGSAFKKQKHYR
;
_entity_poly.pdbx_strand_id   A
#
# COMPACT_ATOMS: atom_id res chain seq x y z
N PRO A 49 32.11 -12.57 14.85
CA PRO A 49 33.42 -13.21 15.01
C PRO A 49 34.49 -12.53 14.14
N GLN A 50 34.09 -11.83 13.07
CA GLN A 50 35.08 -11.13 12.24
C GLN A 50 34.56 -9.95 11.39
N MET A 51 34.85 -8.73 11.82
CA MET A 51 34.39 -7.57 11.05
C MET A 51 35.35 -6.39 11.03
N PHE A 52 36.56 -6.56 11.56
CA PHE A 52 37.54 -5.48 11.57
C PHE A 52 38.78 -5.89 10.83
N PHE A 53 38.86 -5.51 9.55
CA PHE A 53 39.91 -6.01 8.68
C PHE A 53 40.99 -4.99 8.30
N GLY A 54 41.18 -3.96 9.12
CA GLY A 54 42.15 -2.92 8.84
C GLY A 54 41.53 -1.67 8.22
N VAL A 55 42.36 -0.67 7.94
CA VAL A 55 41.90 0.60 7.40
C VAL A 55 42.63 0.98 6.13
N LEU A 56 42.12 1.98 5.43
CA LEU A 56 42.75 2.38 4.18
C LEU A 56 43.80 3.48 4.38
N ASP A 57 44.83 3.44 3.53
CA ASP A 57 45.86 4.50 3.43
C ASP A 57 45.24 5.86 3.23
N ARG A 58 46.06 6.90 3.21
CA ARG A 58 45.58 8.19 2.72
C ARG A 58 45.51 8.11 1.21
N GLU A 59 46.58 7.57 0.63
CA GLU A 59 46.66 7.39 -0.81
C GLU A 59 45.49 6.57 -1.33
N GLU A 60 45.23 5.47 -0.65
CA GLU A 60 44.13 4.60 -1.04
C GLU A 60 42.81 5.35 -0.90
N LEU A 61 42.60 5.98 0.25
CA LEU A 61 41.36 6.72 0.52
C LEU A 61 41.11 7.78 -0.53
N GLU A 62 42.15 8.54 -0.86
CA GLU A 62 42.03 9.57 -1.89
C GLU A 62 41.61 8.98 -3.24
N TYR A 63 42.34 7.95 -3.69
CA TYR A 63 42.01 7.27 -4.94
C TYR A 63 40.54 6.89 -5.10
N PHE A 64 39.96 6.30 -4.06
CA PHE A 64 38.59 5.80 -4.15
C PHE A 64 37.57 6.91 -4.02
N LYS A 65 37.81 7.83 -3.08
CA LYS A 65 37.00 9.03 -2.94
C LYS A 65 36.96 9.72 -4.32
N GLN A 66 38.14 9.86 -4.91
CA GLN A 66 38.24 10.33 -6.28
C GLN A 66 37.34 9.49 -7.18
N ALA A 67 37.65 8.21 -7.29
CA ALA A 67 36.88 7.24 -8.10
C ALA A 67 35.37 7.38 -7.96
N GLU A 68 34.90 7.48 -6.73
CA GLU A 68 33.46 7.52 -6.47
C GLU A 68 32.79 8.74 -7.07
N SER A 69 33.49 9.87 -7.02
CA SER A 69 32.92 11.13 -7.51
C SER A 69 32.69 11.09 -9.02
N THR A 70 33.71 10.67 -9.75
CA THR A 70 33.66 10.69 -11.20
C THR A 70 32.64 9.69 -11.71
N LEU A 71 32.36 8.67 -10.91
CA LEU A 71 31.31 7.72 -11.23
C LEU A 71 29.90 8.33 -11.11
N GLN A 72 29.64 9.06 -10.03
CA GLN A 72 28.32 9.69 -9.88
C GLN A 72 28.19 10.90 -10.80
N LEU A 73 29.22 11.15 -11.59
CA LEU A 73 29.22 12.26 -12.53
C LEU A 73 28.60 11.90 -13.88
N ASP A 74 29.12 10.86 -14.53
CA ASP A 74 28.63 10.30 -15.81
C ASP A 74 29.15 11.04 -17.03
N ALA A 75 30.32 11.64 -16.88
CA ALA A 75 30.97 12.35 -17.99
C ALA A 75 31.71 11.37 -18.90
N PHE A 76 30.97 10.60 -19.67
CA PHE A 76 31.57 9.55 -20.49
C PHE A 76 31.27 9.74 -21.98
N GLU A 80 30.12 4.43 -23.32
CA GLU A 80 30.14 3.27 -22.43
C GLU A 80 31.56 2.85 -22.06
N GLU A 81 32.45 3.85 -21.97
CA GLU A 81 33.80 3.69 -21.43
C GLU A 81 33.70 3.59 -19.90
N LYS A 82 32.50 3.92 -19.41
CA LYS A 82 32.05 3.65 -18.04
C LYS A 82 32.74 2.42 -17.46
N PHE A 83 32.58 1.36 -18.23
CA PHE A 83 32.93 0.01 -17.86
C PHE A 83 34.39 -0.07 -17.57
N GLN A 84 35.17 0.41 -18.52
CA GLN A 84 36.61 0.40 -18.37
C GLN A 84 37.04 1.02 -17.07
N PHE A 85 36.43 2.18 -16.76
CA PHE A 85 36.66 2.86 -15.51
C PHE A 85 36.27 1.99 -14.32
N VAL A 86 35.00 1.59 -14.31
CA VAL A 86 34.48 0.64 -13.32
C VAL A 86 35.44 -0.51 -13.08
N THR A 87 35.74 -1.28 -14.12
CA THR A 87 36.55 -2.48 -13.92
C THR A 87 38.01 -2.14 -13.64
N SER A 88 38.35 -0.87 -13.77
CA SER A 88 39.65 -0.38 -13.32
C SER A 88 39.62 -0.21 -11.81
N ILE A 89 38.48 0.28 -11.31
CA ILE A 89 38.20 0.38 -9.88
C ILE A 89 38.27 -0.99 -9.22
N ILE A 90 37.64 -1.97 -9.88
CA ILE A 90 37.63 -3.33 -9.41
C ILE A 90 39.05 -3.87 -9.28
N GLU A 91 39.87 -3.56 -10.27
CA GLU A 91 41.24 -4.03 -10.26
C GLU A 91 42.00 -3.40 -9.09
N GLU A 92 41.64 -2.18 -8.76
CA GLU A 92 42.29 -1.51 -7.65
C GLU A 92 41.69 -1.98 -6.32
N ALA A 93 40.42 -2.37 -6.38
CA ALA A 93 39.74 -2.93 -5.21
C ALA A 93 40.27 -4.32 -4.89
N LYS A 94 40.97 -4.91 -5.85
CA LYS A 94 41.47 -6.28 -5.76
C LYS A 94 42.31 -6.49 -4.52
N GLY A 95 41.76 -7.20 -3.55
CA GLY A 95 42.47 -7.53 -2.34
C GLY A 95 42.24 -6.56 -1.20
N LYS A 96 41.34 -5.59 -1.40
CA LYS A 96 41.04 -4.63 -0.36
C LYS A 96 39.55 -4.64 -0.12
N GLU A 97 38.84 -5.53 -0.82
CA GLU A 97 37.39 -5.55 -0.84
C GLU A 97 36.83 -5.41 0.55
N LEU A 98 37.45 -6.11 1.49
CA LEU A 98 36.98 -6.12 2.86
C LEU A 98 37.10 -4.78 3.57
N LYS A 99 38.31 -4.21 3.59
CA LYS A 99 38.54 -2.85 4.10
C LYS A 99 37.55 -1.88 3.48
N LEU A 100 37.43 -1.97 2.16
CA LEU A 100 36.49 -1.16 1.43
C LEU A 100 35.06 -1.31 1.92
N VAL A 101 34.61 -2.54 2.03
CA VAL A 101 33.22 -2.82 2.31
C VAL A 101 32.87 -2.40 3.75
N THR A 102 33.87 -2.39 4.62
CA THR A 102 33.68 -2.04 6.03
C THR A 102 33.83 -0.55 6.31
N SER A 103 34.67 0.14 5.53
CA SER A 103 34.84 1.58 5.70
C SER A 103 33.60 2.36 5.25
N GLN A 104 33.24 3.40 6.01
CA GLN A 104 32.02 4.14 5.73
C GLN A 104 32.16 4.99 4.48
N ILE A 105 33.34 5.56 4.36
CA ILE A 105 33.70 6.37 3.23
C ILE A 105 33.52 5.59 1.92
N THR A 106 34.02 4.35 1.89
CA THR A 106 34.04 3.57 0.66
C THR A 106 32.89 2.59 0.52
N SER A 107 32.14 2.37 1.60
CA SER A 107 31.04 1.41 1.61
C SER A 107 30.11 1.59 0.44
N LYS A 108 29.76 2.83 0.14
CA LYS A 108 28.80 3.10 -0.92
C LYS A 108 29.43 2.97 -2.30
N LEU A 109 30.73 3.22 -2.42
CA LEU A 109 31.43 2.99 -3.67
C LEU A 109 31.23 1.56 -4.12
N MET A 110 31.57 0.61 -3.24
CA MET A 110 31.38 -0.80 -3.52
C MET A 110 29.98 -1.06 -4.02
N GLU A 111 28.98 -0.63 -3.25
CA GLU A 111 27.59 -0.85 -3.60
C GLU A 111 27.28 -0.45 -5.05
N ARG A 112 27.94 0.62 -5.53
CA ARG A 112 27.75 1.08 -6.90
C ARG A 112 28.40 0.11 -7.87
N VAL A 113 29.69 -0.16 -7.68
CA VAL A 113 30.38 -1.18 -8.45
C VAL A 113 29.61 -2.50 -8.52
N ILE A 114 29.06 -2.97 -7.39
CA ILE A 114 28.23 -4.15 -7.45
C ILE A 114 27.08 -3.94 -8.44
N LEU A 115 26.43 -2.79 -8.36
CA LEU A 115 25.30 -2.51 -9.24
C LEU A 115 25.70 -2.32 -10.71
N GLU A 116 26.99 -2.16 -10.99
CA GLU A 116 27.45 -1.71 -12.29
C GLU A 116 28.59 -2.56 -12.86
N CYS A 117 28.40 -3.87 -12.91
CA CYS A 117 29.49 -4.74 -13.32
C CYS A 117 28.99 -6.00 -14.00
N ASP A 118 29.91 -6.61 -14.77
CA ASP A 118 29.75 -7.94 -15.34
C ASP A 118 29.15 -8.94 -14.35
N GLU A 119 28.46 -9.96 -14.85
CA GLU A 119 28.07 -11.09 -13.99
C GLU A 119 29.32 -11.83 -13.50
N THR A 120 30.37 -11.83 -14.30
CA THR A 120 31.54 -12.58 -13.93
C THR A 120 32.47 -11.73 -13.06
N GLN A 121 32.08 -10.49 -12.83
CA GLN A 121 32.76 -9.67 -11.81
C GLN A 121 31.94 -9.69 -10.52
N LEU A 122 30.62 -9.72 -10.68
CA LEU A 122 29.69 -9.92 -9.58
C LEU A 122 30.15 -11.11 -8.76
N LYS A 123 30.26 -12.25 -9.43
CA LYS A 123 30.66 -13.48 -8.76
C LYS A 123 32.05 -13.32 -8.15
N ASP A 124 32.98 -12.78 -8.93
CA ASP A 124 34.32 -12.49 -8.43
C ASP A 124 34.35 -11.69 -7.12
N ILE A 125 33.36 -10.84 -6.92
CA ILE A 125 33.32 -10.04 -5.70
C ILE A 125 32.67 -10.85 -4.61
N PHE A 126 31.51 -11.42 -4.92
CA PHE A 126 30.84 -12.34 -4.01
C PHE A 126 31.85 -13.33 -3.41
N GLN A 127 32.70 -13.88 -4.27
CA GLN A 127 33.73 -14.79 -3.85
C GLN A 127 34.68 -14.17 -2.83
N SER A 128 34.99 -12.90 -3.00
CA SER A 128 36.02 -12.30 -2.17
C SER A 128 35.52 -12.16 -0.73
N PHE A 129 34.22 -12.38 -0.54
CA PHE A 129 33.59 -12.36 0.78
C PHE A 129 33.42 -13.70 1.47
N ASN A 130 34.02 -14.77 0.93
CA ASN A 130 33.83 -16.08 1.54
C ASN A 130 34.47 -16.10 2.91
N GLY A 131 33.82 -16.78 3.84
CA GLY A 131 34.38 -17.00 5.16
C GLY A 131 34.30 -15.83 6.13
N VAL A 132 33.60 -14.76 5.74
CA VAL A 132 33.31 -13.64 6.65
C VAL A 132 31.94 -13.05 6.39
N PHE A 133 31.10 -13.78 5.67
CA PHE A 133 29.74 -13.33 5.42
C PHE A 133 28.99 -13.02 6.70
N PHE A 134 29.27 -13.77 7.76
CA PHE A 134 28.52 -13.53 9.00
C PHE A 134 28.96 -12.22 9.66
N GLY A 135 30.26 -11.96 9.73
CA GLY A 135 30.74 -10.71 10.27
C GLY A 135 30.18 -9.50 9.53
N LEU A 136 30.21 -9.57 8.20
CA LEU A 136 29.81 -8.47 7.35
C LEU A 136 28.38 -8.06 7.58
N SER A 137 27.53 -9.03 7.88
CA SER A 137 26.11 -8.75 8.06
C SER A 137 25.88 -8.06 9.39
N CYS A 138 26.84 -8.23 10.30
CA CYS A 138 26.73 -7.65 11.63
C CYS A 138 27.27 -6.23 11.66
N HIS A 139 27.81 -5.80 10.52
CA HIS A 139 28.48 -4.52 10.37
C HIS A 139 27.50 -3.45 9.85
N LYS A 140 27.68 -2.21 10.30
CA LYS A 140 26.73 -1.14 10.01
C LYS A 140 26.71 -0.82 8.54
N TYR A 141 27.87 -0.91 7.91
CA TYR A 141 27.99 -0.50 6.53
C TYR A 141 28.07 -1.70 5.61
N ALA A 142 28.96 -2.63 5.92
CA ALA A 142 29.08 -3.87 5.17
C ALA A 142 27.75 -4.58 4.99
N SER A 143 26.83 -4.42 5.95
CA SER A 143 25.59 -5.18 5.86
C SER A 143 24.69 -4.61 4.79
N HIS A 144 24.89 -3.37 4.40
CA HIS A 144 24.09 -2.83 3.31
C HIS A 144 24.71 -3.21 1.96
N VAL A 145 26.04 -3.26 1.91
CA VAL A 145 26.78 -3.82 0.79
C VAL A 145 26.32 -5.25 0.48
N LEU A 146 26.21 -6.06 1.53
CA LEU A 146 25.69 -7.40 1.41
C LEU A 146 24.28 -7.42 0.84
N GLU A 147 23.43 -6.54 1.37
CA GLU A 147 22.05 -6.44 0.93
C GLU A 147 22.00 -6.16 -0.55
N THR A 148 22.87 -5.28 -0.99
CA THR A 148 22.90 -4.95 -2.40
C THR A 148 23.34 -6.19 -3.18
N LEU A 149 24.49 -6.73 -2.80
CA LEU A 149 25.11 -7.86 -3.49
C LEU A 149 24.22 -9.09 -3.62
N PHE A 150 23.47 -9.39 -2.57
CA PHE A 150 22.59 -10.55 -2.57
C PHE A 150 21.42 -10.38 -3.51
N VAL A 151 20.97 -9.15 -3.68
CA VAL A 151 19.84 -8.88 -4.57
C VAL A 151 20.21 -9.04 -6.05
N ARG A 152 21.38 -8.55 -6.44
CA ARG A 152 21.87 -8.76 -7.80
C ARG A 152 22.04 -10.24 -8.09
N SER A 153 22.74 -10.92 -7.18
CA SER A 153 22.93 -12.37 -7.20
C SER A 153 21.63 -13.14 -7.46
N ALA A 154 20.57 -12.73 -6.76
CA ALA A 154 19.26 -13.31 -6.95
C ALA A 154 18.84 -13.32 -8.42
N ALA A 155 19.02 -12.19 -9.09
CA ALA A 155 18.63 -12.05 -10.50
C ALA A 155 19.52 -12.92 -11.39
N LEU A 156 20.81 -12.91 -11.08
CA LEU A 156 21.77 -13.77 -11.74
C LEU A 156 21.38 -15.25 -11.62
N VAL A 157 20.88 -15.62 -10.46
CA VAL A 157 20.48 -17.01 -10.20
C VAL A 157 19.20 -17.34 -10.95
N GLU A 158 18.28 -16.38 -11.05
CA GLU A 158 17.13 -16.57 -11.93
C GLU A 158 17.59 -16.74 -13.37
N ARG A 159 18.60 -15.96 -13.76
CA ARG A 159 19.11 -15.98 -15.12
C ARG A 159 19.68 -17.33 -15.46
N GLU A 160 20.59 -17.81 -14.62
CA GLU A 160 21.09 -19.17 -14.75
C GLU A 160 19.92 -20.18 -14.80
N LEU A 161 18.87 -19.92 -14.03
CA LEU A 161 17.69 -20.77 -14.01
C LEU A 161 16.95 -20.78 -15.36
N LEU A 162 16.80 -19.60 -15.96
CA LEU A 162 16.03 -19.43 -17.21
C LEU A 162 16.87 -19.59 -18.47
N THR A 163 18.11 -19.13 -18.41
CA THR A 163 19.04 -19.16 -19.54
C THR A 163 19.86 -20.46 -19.55
N PRO A 164 19.20 -21.62 -19.47
CA PRO A 164 19.62 -22.72 -20.36
C PRO A 164 18.45 -23.20 -21.22
N VAL A 176 31.60 -22.52 -12.51
CA VAL A 176 31.02 -22.45 -11.15
C VAL A 176 29.86 -21.45 -11.05
N THR A 177 28.69 -21.92 -10.63
CA THR A 177 27.47 -21.12 -10.77
C THR A 177 27.13 -20.28 -9.57
N MET A 178 26.47 -19.15 -9.82
CA MET A 178 26.03 -18.23 -8.77
C MET A 178 25.19 -18.96 -7.72
N GLU A 179 24.26 -19.79 -8.17
CA GLU A 179 23.50 -20.63 -7.27
C GLU A 179 24.40 -21.41 -6.30
N ASN A 180 25.48 -22.00 -6.79
CA ASN A 180 26.33 -22.75 -5.88
C ASN A 180 27.14 -21.82 -5.00
N MET A 181 27.71 -20.76 -5.59
CA MET A 181 28.37 -19.73 -4.78
C MET A 181 27.45 -19.29 -3.64
N PHE A 182 26.17 -19.16 -3.96
CA PHE A 182 25.14 -18.76 -3.01
C PHE A 182 24.92 -19.81 -1.92
N LEU A 183 24.70 -21.05 -2.33
CA LEU A 183 24.50 -22.16 -1.40
C LEU A 183 25.62 -22.27 -0.39
N PHE A 184 26.83 -22.08 -0.89
CA PHE A 184 28.01 -22.06 -0.07
C PHE A 184 27.93 -21.05 1.06
N MET A 185 27.51 -19.83 0.72
CA MET A 185 27.40 -18.76 1.72
C MET A 185 26.29 -19.08 2.70
N LEU A 186 25.16 -19.53 2.17
CA LEU A 186 24.06 -19.90 3.03
C LEU A 186 24.53 -20.86 4.09
N ASN A 187 25.45 -21.73 3.71
CA ASN A 187 25.88 -22.74 4.62
C ASN A 187 26.80 -22.22 5.71
N GLU A 188 27.51 -21.12 5.50
CA GLU A 188 28.33 -20.67 6.62
C GLU A 188 27.52 -19.78 7.58
N LEU A 189 26.39 -19.29 7.11
CA LEU A 189 25.53 -18.57 8.01
C LEU A 189 24.82 -19.50 8.98
N LYS A 190 24.45 -20.67 8.49
CA LYS A 190 23.59 -21.59 9.22
C LYS A 190 23.86 -21.74 10.74
N PRO A 191 25.14 -21.90 11.16
CA PRO A 191 25.31 -21.92 12.60
C PRO A 191 24.83 -20.64 13.28
N HIS A 192 24.90 -19.53 12.55
CA HIS A 192 24.75 -18.22 13.15
C HIS A 192 23.38 -17.60 13.03
N LEU A 193 22.45 -18.35 12.47
CA LEU A 193 21.09 -17.87 12.30
C LEU A 193 20.50 -17.26 13.56
N LYS A 194 20.32 -18.08 14.59
CA LYS A 194 19.74 -17.67 15.87
C LYS A 194 20.27 -16.32 16.37
N THR A 195 21.58 -16.11 16.28
CA THR A 195 22.17 -14.82 16.61
C THR A 195 21.73 -13.71 15.66
N MET A 196 21.69 -14.03 14.37
CA MET A 196 21.28 -13.06 13.35
C MET A 196 19.89 -12.51 13.62
N MET A 197 19.05 -13.28 14.30
CA MET A 197 17.63 -12.96 14.43
C MET A 197 17.30 -11.68 15.22
N ASN A 198 18.16 -11.30 16.15
CA ASN A 198 17.89 -10.17 17.01
C ASN A 198 19.13 -9.30 17.09
N HIS A 199 19.81 -9.22 15.96
CA HIS A 199 20.96 -8.36 15.79
C HIS A 199 20.50 -7.18 14.94
N GLN A 200 20.80 -5.97 15.41
CA GLN A 200 20.18 -4.76 14.85
C GLN A 200 20.42 -4.65 13.35
N TYR A 201 21.52 -5.20 12.90
CA TYR A 201 21.88 -5.09 11.49
C TYR A 201 21.66 -6.38 10.72
N ALA A 202 22.25 -7.46 11.22
CA ALA A 202 22.16 -8.78 10.58
C ALA A 202 20.73 -9.27 10.42
N SER A 203 19.82 -8.89 11.31
CA SER A 203 18.43 -9.31 11.15
C SER A 203 17.86 -8.89 9.81
N HIS A 204 18.44 -7.89 9.19
CA HIS A 204 17.91 -7.45 7.91
C HIS A 204 18.38 -8.34 6.79
N VAL A 205 19.70 -8.51 6.73
CA VAL A 205 20.32 -9.48 5.84
C VAL A 205 19.59 -10.83 5.88
N LEU A 206 19.20 -11.23 7.08
CA LEU A 206 18.43 -12.44 7.26
C LEU A 206 17.05 -12.29 6.63
N ARG A 207 16.29 -11.31 7.07
CA ARG A 207 14.96 -11.08 6.53
C ARG A 207 15.05 -11.04 4.99
N LEU A 208 16.09 -10.39 4.46
CA LEU A 208 16.29 -10.34 3.01
C LEU A 208 16.29 -11.75 2.46
N LEU A 209 17.35 -12.50 2.77
CA LEU A 209 17.52 -13.90 2.35
C LEU A 209 16.24 -14.73 2.27
N ILE A 210 15.48 -14.74 3.35
CA ILE A 210 14.24 -15.47 3.37
C ILE A 210 13.33 -15.04 2.22
N LEU A 211 13.23 -13.74 1.98
CA LEU A 211 12.45 -13.24 0.85
C LEU A 211 12.98 -13.78 -0.46
N ILE A 212 14.31 -13.74 -0.59
CA ILE A 212 15.00 -14.25 -1.77
C ILE A 212 14.64 -15.70 -1.99
N LEU A 213 14.82 -16.53 -0.97
CA LEU A 213 14.61 -17.96 -1.09
C LEU A 213 13.16 -18.33 -1.40
N SER A 214 12.23 -17.41 -1.11
CA SER A 214 10.81 -17.72 -1.27
C SER A 214 10.18 -16.98 -2.43
N SER A 215 11.01 -16.35 -3.26
CA SER A 215 10.53 -15.61 -4.43
C SER A 215 9.46 -14.59 -4.08
N LYS A 216 9.62 -13.93 -2.94
CA LYS A 216 8.72 -12.87 -2.52
C LYS A 216 9.32 -11.55 -2.99
N THR A 217 8.46 -10.59 -3.33
CA THR A 217 8.94 -9.37 -3.93
C THR A 217 9.96 -8.70 -3.00
N LEU A 218 10.97 -8.09 -3.60
CA LEU A 218 12.13 -7.67 -2.84
C LEU A 218 12.22 -6.18 -2.70
N PRO A 219 12.15 -5.69 -1.47
CA PRO A 219 12.59 -4.32 -1.22
C PRO A 219 14.06 -4.16 -1.61
N ASN A 220 14.34 -3.31 -2.61
CA ASN A 220 15.68 -2.80 -2.97
C ASN A 220 15.65 -2.13 -4.34
N ASN A 249 7.46 -4.89 -7.51
CA ASN A 249 7.64 -5.33 -8.89
C ASN A 249 9.02 -5.97 -9.13
N LYS A 250 9.86 -6.04 -8.09
CA LYS A 250 11.16 -6.73 -8.22
C LYS A 250 11.16 -8.14 -7.62
N VAL A 251 10.71 -9.13 -8.40
CA VAL A 251 10.63 -10.52 -7.95
C VAL A 251 11.31 -11.47 -8.92
N TYR A 252 12.11 -12.39 -8.39
CA TYR A 252 12.75 -13.35 -9.28
C TYR A 252 12.30 -14.78 -9.00
N GLN A 253 12.34 -15.62 -10.02
CA GLN A 253 12.05 -17.03 -9.85
C GLN A 253 13.26 -17.75 -9.21
N THR A 254 13.00 -18.72 -8.32
CA THR A 254 14.08 -19.42 -7.64
C THR A 254 14.25 -20.85 -8.12
N PRO A 255 15.47 -21.36 -8.03
CA PRO A 255 15.72 -22.77 -8.29
C PRO A 255 15.20 -23.62 -7.15
N GLU A 256 15.27 -24.92 -7.35
CA GLU A 256 14.72 -25.85 -6.39
C GLU A 256 15.48 -25.81 -5.09
N SER A 257 16.81 -25.76 -5.19
CA SER A 257 17.63 -25.85 -3.98
C SER A 257 17.30 -24.75 -3.00
N PHE A 258 16.73 -23.66 -3.51
CA PHE A 258 16.31 -22.55 -2.66
C PHE A 258 15.18 -22.98 -1.75
N LYS A 259 14.33 -23.85 -2.25
CA LYS A 259 13.25 -24.38 -1.43
C LYS A 259 13.86 -25.19 -0.31
N SER A 260 14.88 -25.97 -0.64
CA SER A 260 15.54 -26.80 0.36
C SER A 260 16.13 -25.88 1.40
N GLU A 261 16.77 -24.82 0.93
CA GLU A 261 17.51 -24.01 1.84
C GLU A 261 16.59 -23.20 2.71
N LEU A 262 15.43 -22.82 2.19
CA LEU A 262 14.45 -22.13 3.02
C LEU A 262 14.06 -23.02 4.18
N ARG A 263 13.85 -24.30 3.89
CA ARG A 263 13.43 -25.24 4.92
C ARG A 263 14.53 -25.40 5.96
N ASP A 264 15.77 -25.52 5.47
CA ASP A 264 16.85 -25.78 6.39
C ASP A 264 17.05 -24.62 7.36
N ILE A 265 16.69 -23.41 6.97
CA ILE A 265 16.86 -22.29 7.89
C ILE A 265 15.61 -22.06 8.73
N ILE A 266 14.45 -22.47 8.26
CA ILE A 266 13.28 -22.35 9.10
C ILE A 266 13.41 -23.33 10.25
N THR A 267 13.93 -24.51 9.96
CA THR A 267 13.88 -25.56 10.96
C THR A 267 15.10 -25.47 11.85
N THR A 268 16.18 -24.91 11.33
CA THR A 268 17.38 -24.68 12.15
C THR A 268 17.09 -23.68 13.27
N LEU A 269 16.38 -22.62 12.91
CA LEU A 269 15.91 -21.66 13.88
C LEU A 269 15.05 -22.34 14.91
N TYR A 270 14.07 -23.11 14.46
CA TYR A 270 13.18 -23.81 15.38
C TYR A 270 13.93 -24.56 16.45
N LYS A 271 15.02 -25.23 16.09
CA LYS A 271 15.81 -25.97 17.07
C LYS A 271 16.52 -25.01 17.99
N GLY A 272 17.11 -23.97 17.41
CA GLY A 272 17.89 -23.02 18.18
C GLY A 272 17.05 -22.48 19.30
N PHE A 273 15.75 -22.39 19.03
CA PHE A 273 14.86 -21.72 19.95
C PHE A 273 13.99 -22.69 20.74
N THR A 274 13.98 -23.95 20.37
CA THR A 274 13.28 -24.92 21.19
C THR A 274 14.26 -25.89 21.84
N ASN A 275 15.55 -25.55 21.74
CA ASN A 275 16.67 -26.41 22.15
C ASN A 275 16.30 -27.90 22.25
N GLY A 276 15.83 -28.46 21.14
CA GLY A 276 15.44 -29.86 21.10
C GLY A 276 13.99 -30.15 20.76
N ALA A 277 13.80 -31.17 19.93
CA ALA A 277 12.50 -31.67 19.46
C ALA A 277 11.72 -32.39 20.62
N GLU A 278 10.49 -32.92 20.44
CA GLU A 278 9.78 -33.17 19.18
C GLU A 278 8.29 -32.83 19.20
N SER A 279 7.83 -32.20 20.27
CA SER A 279 6.42 -31.91 20.42
C SER A 279 6.22 -30.61 21.20
N ARG A 280 5.06 -29.98 21.01
CA ARG A 280 4.65 -28.83 21.81
C ARG A 280 4.70 -29.21 23.30
N SER A 281 4.57 -30.51 23.57
CA SER A 281 4.64 -31.07 24.90
C SER A 281 5.99 -30.85 25.55
N ASP A 282 7.05 -30.99 24.75
CA ASP A 282 8.40 -31.02 25.29
C ASP A 282 8.95 -29.63 25.57
N ILE A 283 8.19 -28.59 25.24
CA ILE A 283 8.71 -27.22 25.36
C ILE A 283 8.29 -26.54 26.65
N SER A 284 9.28 -26.01 27.36
CA SER A 284 8.99 -25.29 28.57
C SER A 284 8.30 -24.02 28.19
N GLN A 285 7.43 -23.52 29.06
CA GLN A 285 6.86 -22.21 28.79
C GLN A 285 7.91 -21.17 29.17
N SER A 286 9.05 -21.63 29.67
CA SER A 286 10.20 -20.77 29.84
C SER A 286 10.71 -20.33 28.47
N THR A 287 10.78 -21.24 27.51
CA THR A 287 11.25 -20.82 26.18
C THR A 287 10.07 -20.28 25.33
N ILE A 288 8.89 -20.84 25.53
CA ILE A 288 7.71 -20.35 24.83
C ILE A 288 7.55 -18.86 25.14
N THR A 289 7.60 -18.50 26.40
CA THR A 289 7.43 -17.10 26.71
C THR A 289 8.65 -16.31 26.27
N LYS A 290 9.84 -16.90 26.37
CA LYS A 290 11.07 -16.27 25.86
C LYS A 290 10.88 -15.85 24.41
N PHE A 291 10.11 -16.65 23.69
CA PHE A 291 9.79 -16.40 22.30
C PHE A 291 8.70 -15.36 22.14
N ARG A 292 7.67 -15.45 22.98
CA ARG A 292 6.56 -14.53 22.90
C ARG A 292 7.05 -13.12 23.07
N GLU A 293 8.06 -12.98 23.91
CA GLU A 293 8.65 -11.71 24.18
C GLU A 293 9.34 -11.15 22.93
N TYR A 294 9.77 -12.03 22.04
CA TYR A 294 10.44 -11.60 20.81
C TYR A 294 9.51 -10.86 19.88
N SER A 295 8.33 -11.42 19.66
CA SER A 295 7.31 -10.85 18.79
C SER A 295 7.04 -9.36 18.99
N VAL A 296 7.56 -8.78 20.07
CA VAL A 296 7.38 -7.37 20.37
C VAL A 296 8.71 -6.61 20.30
N ASP A 297 9.80 -7.29 19.95
CA ASP A 297 11.06 -6.61 19.74
C ASP A 297 11.00 -5.91 18.38
N LYS A 298 11.48 -4.68 18.30
CA LYS A 298 11.48 -3.95 17.05
C LYS A 298 12.33 -4.66 16.00
N VAL A 299 13.42 -5.30 16.42
CA VAL A 299 14.33 -5.90 15.45
C VAL A 299 13.94 -7.35 15.10
N ALA A 300 13.49 -8.14 16.07
CA ALA A 300 13.20 -9.56 15.81
C ALA A 300 11.77 -9.85 15.33
N SER A 301 10.82 -9.00 15.69
CA SER A 301 9.44 -9.25 15.35
C SER A 301 9.18 -9.32 13.83
N PRO A 302 9.78 -8.42 13.00
CA PRO A 302 9.61 -8.58 11.55
C PRO A 302 10.05 -9.96 11.02
N VAL A 303 11.16 -10.49 11.53
CA VAL A 303 11.61 -11.81 11.12
C VAL A 303 10.56 -12.87 11.45
N ILE A 304 10.10 -12.84 12.69
CA ILE A 304 9.15 -13.83 13.18
C ILE A 304 7.86 -13.79 12.38
N GLN A 305 7.49 -12.60 11.93
CA GLN A 305 6.33 -12.45 11.05
C GLN A 305 6.58 -13.12 9.73
N LEU A 306 7.78 -12.87 9.18
CA LEU A 306 8.09 -13.33 7.85
C LEU A 306 7.96 -14.83 7.89
N ILE A 307 8.76 -15.47 8.76
CA ILE A 307 8.71 -16.91 8.98
C ILE A 307 7.29 -17.44 9.11
N ILE A 308 6.52 -16.85 10.01
CA ILE A 308 5.18 -17.32 10.25
C ILE A 308 4.37 -17.26 8.98
N GLN A 309 4.65 -16.31 8.10
CA GLN A 309 3.87 -16.22 6.87
C GLN A 309 4.33 -17.29 5.90
N VAL A 310 5.64 -17.40 5.77
CA VAL A 310 6.31 -18.17 4.73
C VAL A 310 6.46 -19.65 5.05
N GLU A 311 6.33 -20.00 6.33
CA GLU A 311 6.59 -21.36 6.81
C GLU A 311 5.61 -22.35 6.23
N GLY A 312 4.44 -21.87 5.83
CA GLY A 312 3.38 -22.75 5.36
C GLY A 312 3.78 -23.56 4.13
N ILE A 313 4.68 -23.00 3.33
CA ILE A 313 5.12 -23.63 2.09
C ILE A 313 5.56 -25.08 2.28
N PHE A 314 6.27 -25.35 3.37
CA PHE A 314 6.81 -26.69 3.65
C PHE A 314 6.12 -27.36 4.80
N ASP A 315 6.15 -26.63 5.90
CA ASP A 315 5.84 -27.17 7.20
C ASP A 315 4.38 -26.84 7.53
N ARG A 316 3.51 -27.84 7.53
CA ARG A 316 2.08 -27.63 7.71
C ARG A 316 1.67 -27.66 9.17
N ASP A 317 2.65 -27.48 10.05
CA ASP A 317 2.43 -27.66 11.47
C ASP A 317 1.37 -26.68 12.06
N ARG A 318 1.46 -25.36 11.90
CA ARG A 318 2.62 -24.54 11.55
C ARG A 318 3.31 -24.20 12.86
N SER A 319 4.50 -24.71 13.08
CA SER A 319 4.94 -24.82 14.47
C SER A 319 5.53 -23.53 14.99
N PHE A 320 5.82 -22.58 14.12
CA PHE A 320 6.23 -21.28 14.63
C PHE A 320 5.05 -20.57 15.18
N TRP A 321 3.93 -20.70 14.50
CA TRP A 321 2.72 -20.12 15.00
C TRP A 321 2.35 -20.73 16.35
N ARG A 322 2.53 -22.05 16.48
CA ARG A 322 2.14 -22.81 17.68
C ARG A 322 3.07 -22.49 18.85
N LEU A 323 4.30 -22.16 18.51
CA LEU A 323 5.22 -21.53 19.42
C LEU A 323 4.57 -20.32 20.07
N VAL A 324 4.00 -19.49 19.22
CA VAL A 324 3.47 -18.21 19.64
C VAL A 324 2.08 -18.32 20.25
N PHE A 325 1.26 -19.21 19.68
CA PHE A 325 -0.13 -19.36 20.10
C PHE A 325 -0.51 -20.79 20.47
N ASN A 326 -1.55 -20.94 21.27
CA ASN A 326 -2.01 -22.25 21.70
C ASN A 326 -3.04 -22.82 20.74
N THR A 327 -3.21 -24.13 20.75
CA THR A 327 -3.94 -24.81 19.69
C THR A 327 -5.45 -24.74 19.85
N ALA A 328 -5.92 -24.98 21.07
CA ALA A 328 -7.35 -25.01 21.39
C ALA A 328 -7.41 -25.31 22.88
N ASP A 329 -8.58 -25.22 23.52
CA ASP A 329 -9.77 -24.50 23.11
C ASP A 329 -10.34 -23.94 24.42
N GLU A 330 -9.51 -23.23 25.14
CA GLU A 330 -9.86 -22.75 26.45
C GLU A 330 -8.93 -21.61 26.79
N LYS A 331 -9.30 -20.81 27.79
CA LYS A 331 -8.51 -19.64 28.09
C LYS A 331 -7.30 -20.02 28.94
N ASP A 332 -6.13 -19.61 28.49
CA ASP A 332 -4.89 -19.72 29.26
C ASP A 332 -4.57 -18.29 29.72
N PRO A 333 -4.40 -18.09 31.03
CA PRO A 333 -4.03 -16.76 31.49
C PRO A 333 -2.64 -16.31 31.03
N LYS A 334 -1.85 -17.25 30.53
CA LYS A 334 -0.51 -16.87 30.06
C LYS A 334 -0.64 -16.28 28.66
N GLU A 335 -1.31 -17.02 27.78
CA GLU A 335 -1.61 -16.57 26.44
C GLU A 335 -2.45 -15.32 26.47
N GLU A 336 -3.46 -15.31 27.35
CA GLU A 336 -4.35 -14.17 27.47
C GLU A 336 -3.63 -12.87 27.83
N SER A 337 -2.76 -12.91 28.82
CA SER A 337 -2.09 -11.69 29.19
C SER A 337 -1.07 -11.33 28.11
N PHE A 338 -0.58 -12.32 27.38
CA PHE A 338 0.32 -12.05 26.27
C PHE A 338 -0.42 -11.30 25.17
N LEU A 339 -1.66 -11.68 24.90
CA LEU A 339 -2.51 -10.97 23.95
C LEU A 339 -2.57 -9.48 24.28
N GLU A 340 -2.94 -9.17 25.52
CA GLU A 340 -3.07 -7.78 25.93
C GLU A 340 -1.75 -7.07 25.79
N TYR A 341 -0.68 -7.79 26.03
CA TYR A 341 0.65 -7.23 25.86
C TYR A 341 0.86 -6.86 24.40
N LEU A 342 0.33 -7.67 23.48
CA LEU A 342 0.45 -7.38 22.07
C LEU A 342 -0.34 -6.14 21.73
N LEU A 343 -1.58 -6.11 22.20
CA LEU A 343 -2.50 -5.04 21.87
C LEU A 343 -2.09 -3.71 22.44
N SER A 344 -1.22 -3.73 23.44
CA SER A 344 -0.85 -2.51 24.12
C SER A 344 0.49 -2.05 23.59
N ASP A 345 0.66 -2.15 22.28
CA ASP A 345 1.94 -1.81 21.66
C ASP A 345 1.81 -1.78 20.15
N PRO A 346 2.39 -0.74 19.53
CA PRO A 346 2.44 -0.58 18.07
C PRO A 346 3.03 -1.81 17.37
N VAL A 347 4.27 -2.15 17.72
CA VAL A 347 4.94 -3.32 17.14
C VAL A 347 4.09 -4.54 17.30
N GLY A 348 3.71 -4.80 18.53
CA GLY A 348 2.87 -5.93 18.87
C GLY A 348 1.55 -5.99 18.12
N SER A 349 0.90 -4.86 17.91
CA SER A 349 -0.38 -4.88 17.22
C SER A 349 -0.20 -5.19 15.74
N HIS A 350 0.88 -4.69 15.16
CA HIS A 350 1.10 -4.85 13.73
C HIS A 350 1.65 -6.24 13.45
N PHE A 351 2.44 -6.75 14.39
CA PHE A 351 2.82 -8.15 14.35
C PHE A 351 1.54 -8.95 14.28
N LEU A 352 0.65 -8.71 15.22
CA LEU A 352 -0.58 -9.45 15.28
C LEU A 352 -1.33 -9.44 13.97
N GLU A 353 -1.64 -8.25 13.44
CA GLU A 353 -2.52 -8.20 12.27
C GLU A 353 -1.89 -8.83 11.05
N ASN A 354 -0.57 -8.65 10.86
CA ASN A 354 0.08 -9.25 9.72
C ASN A 354 -0.01 -10.74 9.84
N VAL A 355 0.15 -11.20 11.08
CA VAL A 355 0.13 -12.60 11.41
C VAL A 355 -1.26 -13.21 11.18
N ILE A 356 -2.30 -12.46 11.56
CA ILE A 356 -3.68 -12.88 11.32
C ILE A 356 -3.87 -13.21 9.86
N GLY A 357 -3.15 -12.49 9.00
CA GLY A 357 -3.22 -12.68 7.56
C GLY A 357 -2.76 -14.03 7.06
N SER A 358 -1.76 -14.62 7.72
CA SER A 358 -1.21 -15.89 7.23
C SER A 358 -1.49 -17.06 8.18
N ALA A 359 -2.28 -16.82 9.22
CA ALA A 359 -2.75 -17.92 10.06
C ALA A 359 -3.80 -18.69 9.28
N ARG A 360 -3.95 -19.98 9.54
CA ARG A 360 -5.09 -20.65 8.96
C ARG A 360 -6.28 -20.29 9.80
N LEU A 361 -7.44 -20.27 9.15
CA LEU A 361 -8.69 -19.83 9.72
C LEU A 361 -9.08 -20.50 11.04
N LYS A 362 -8.75 -21.79 11.19
CA LYS A 362 -8.93 -22.48 12.47
C LYS A 362 -8.47 -21.54 13.60
N TYR A 363 -7.23 -21.07 13.48
CA TYR A 363 -6.57 -20.42 14.58
C TYR A 363 -7.12 -19.05 14.83
N VAL A 364 -7.43 -18.34 13.76
CA VAL A 364 -7.99 -17.00 13.87
C VAL A 364 -9.29 -17.03 14.64
N GLU A 365 -10.24 -17.85 14.20
CA GLU A 365 -11.52 -18.01 14.89
C GLU A 365 -11.35 -18.26 16.37
N ARG A 366 -10.40 -19.14 16.67
CA ARG A 366 -10.04 -19.50 18.03
C ARG A 366 -9.77 -18.28 18.85
N LEU A 367 -8.81 -17.49 18.40
CA LEU A 367 -8.47 -16.25 19.04
C LEU A 367 -9.68 -15.35 19.21
N TYR A 368 -10.46 -15.23 18.14
CA TYR A 368 -11.63 -14.39 18.18
C TYR A 368 -12.61 -14.91 19.24
N ARG A 369 -13.07 -16.14 19.05
CA ARG A 369 -13.95 -16.83 19.99
C ARG A 369 -13.45 -16.72 21.44
N LEU A 370 -12.18 -17.02 21.64
CA LEU A 370 -11.63 -17.06 22.99
C LEU A 370 -11.40 -15.69 23.63
N TYR A 371 -10.72 -14.79 22.94
CA TYR A 371 -10.17 -13.59 23.58
C TYR A 371 -10.69 -12.26 23.07
N MET A 372 -11.02 -12.22 21.78
CA MET A 372 -11.38 -11.00 21.07
C MET A 372 -12.82 -10.59 21.33
N LYS A 373 -13.72 -11.54 21.09
CA LYS A 373 -15.17 -11.32 21.00
C LYS A 373 -15.74 -10.23 21.94
N ASP A 374 -15.29 -10.16 23.19
CA ASP A 374 -15.91 -9.21 24.12
C ASP A 374 -15.05 -8.01 24.46
N ARG A 375 -14.11 -7.71 23.57
CA ARG A 375 -13.20 -6.58 23.75
C ARG A 375 -13.25 -5.76 22.49
N ILE A 376 -14.11 -6.17 21.58
CA ILE A 376 -14.03 -5.75 20.21
C ILE A 376 -14.25 -4.25 20.04
N VAL A 377 -15.04 -3.64 20.91
CA VAL A 377 -15.22 -2.20 20.86
C VAL A 377 -14.00 -1.52 21.44
N LYS A 378 -13.67 -1.83 22.69
CA LYS A 378 -12.49 -1.29 23.34
C LYS A 378 -11.28 -1.36 22.42
N LEU A 379 -11.20 -2.41 21.62
CA LEU A 379 -10.12 -2.55 20.65
C LEU A 379 -10.27 -1.55 19.53
N ALA A 380 -11.50 -1.44 19.04
CA ALA A 380 -11.81 -0.55 17.93
C ALA A 380 -11.55 0.90 18.27
N LYS A 381 -11.90 1.32 19.46
CA LYS A 381 -11.73 2.72 19.80
C LYS A 381 -10.32 2.97 20.29
N ARG A 382 -9.54 1.90 20.48
CA ARG A 382 -8.12 2.09 20.79
C ARG A 382 -7.38 2.30 19.48
N ASP A 383 -8.07 2.85 18.50
CA ASP A 383 -7.40 3.35 17.31
C ASP A 383 -6.55 4.53 17.77
N THR A 384 -5.24 4.42 17.56
CA THR A 384 -4.60 3.23 17.01
C THR A 384 -3.21 3.15 17.66
N THR A 385 -2.63 1.96 17.81
CA THR A 385 -3.08 0.77 17.13
C THR A 385 -3.70 -0.33 18.02
N GLY A 386 -4.54 -1.13 17.38
CA GLY A 386 -5.41 -2.05 18.08
C GLY A 386 -6.74 -2.10 17.35
N ALA A 387 -7.03 -1.03 16.62
CA ALA A 387 -8.20 -1.04 15.77
C ALA A 387 -7.81 -1.59 14.42
N PHE A 388 -6.51 -1.69 14.18
CA PHE A 388 -5.98 -2.34 12.97
C PHE A 388 -6.31 -3.83 12.97
N VAL A 389 -6.26 -4.40 14.16
CA VAL A 389 -6.56 -5.80 14.34
C VAL A 389 -8.02 -6.09 13.99
N VAL A 390 -8.92 -5.25 14.48
CA VAL A 390 -10.34 -5.48 14.24
C VAL A 390 -10.63 -5.43 12.73
N ARG A 391 -9.85 -4.66 11.98
CA ARG A 391 -9.99 -4.68 10.52
C ARG A 391 -9.56 -6.03 9.97
N ALA A 392 -8.44 -6.55 10.47
CA ALA A 392 -7.90 -7.83 9.99
C ALA A 392 -8.87 -8.95 10.26
N LEU A 393 -9.55 -8.88 11.40
CA LEU A 393 -10.53 -9.90 11.73
C LEU A 393 -11.62 -9.91 10.69
N LEU A 394 -12.27 -8.76 10.51
CA LEU A 394 -13.26 -8.54 9.48
C LEU A 394 -12.87 -9.11 8.13
N GLU A 395 -11.69 -8.73 7.66
CA GLU A 395 -11.23 -9.21 6.36
C GLU A 395 -11.15 -10.72 6.37
N HIS A 396 -10.41 -11.26 7.33
CA HIS A 396 -10.10 -12.67 7.38
C HIS A 396 -11.01 -13.54 8.26
N LEU A 397 -12.31 -13.27 8.33
CA LEU A 397 -13.17 -14.18 9.09
C LEU A 397 -14.40 -14.62 8.30
N LYS A 398 -15.27 -15.41 8.93
CA LYS A 398 -16.41 -15.97 8.23
C LYS A 398 -17.77 -15.54 8.75
N GLU A 399 -18.81 -15.80 7.94
CA GLU A 399 -20.13 -15.19 8.07
C GLU A 399 -20.61 -14.91 9.50
N LYS A 400 -20.55 -15.92 10.38
CA LYS A 400 -21.14 -15.78 11.71
C LYS A 400 -20.37 -14.76 12.55
N ASP A 401 -19.05 -14.83 12.48
CA ASP A 401 -18.15 -13.99 13.25
C ASP A 401 -18.22 -12.52 12.85
N VAL A 402 -18.05 -12.26 11.55
CA VAL A 402 -18.12 -10.90 11.05
C VAL A 402 -19.48 -10.29 11.37
N LYS A 403 -20.55 -11.08 11.23
CA LYS A 403 -21.86 -10.58 11.63
C LYS A 403 -21.83 -10.19 13.11
N GLN A 404 -21.22 -11.05 13.94
CA GLN A 404 -21.13 -10.78 15.36
C GLN A 404 -20.42 -9.44 15.57
N ILE A 405 -19.34 -9.25 14.82
CA ILE A 405 -18.51 -8.06 14.99
C ILE A 405 -19.31 -6.82 14.59
N LEU A 406 -19.82 -6.81 13.37
CA LEU A 406 -20.66 -5.70 12.90
C LEU A 406 -21.73 -5.33 13.91
N ASP A 407 -22.37 -6.36 14.50
CA ASP A 407 -23.38 -6.15 15.53
C ASP A 407 -22.83 -5.28 16.62
N ALA A 408 -21.55 -5.46 16.89
CA ALA A 408 -20.89 -4.74 17.97
C ALA A 408 -20.39 -3.38 17.55
N VAL A 409 -20.00 -3.25 16.28
CA VAL A 409 -19.29 -2.07 15.79
C VAL A 409 -20.18 -0.98 15.18
N VAL A 410 -21.17 -1.41 14.40
CA VAL A 410 -22.01 -0.45 13.71
C VAL A 410 -22.62 0.57 14.67
N PRO A 411 -23.14 0.13 15.83
CA PRO A 411 -23.74 1.15 16.72
C PRO A 411 -22.80 2.23 17.26
N GLU A 412 -21.51 2.12 17.04
CA GLU A 412 -20.56 3.10 17.57
C GLU A 412 -19.72 3.67 16.43
N LEU A 413 -20.24 3.51 15.23
CA LEU A 413 -19.50 3.84 14.03
C LEU A 413 -19.19 5.33 13.93
N SER A 414 -20.14 6.15 14.36
CA SER A 414 -20.00 7.61 14.28
C SER A 414 -18.91 8.10 15.21
N MET A 415 -18.72 7.40 16.32
CA MET A 415 -17.63 7.75 17.23
C MET A 415 -16.33 7.12 16.76
N LEU A 416 -16.44 6.13 15.88
CA LEU A 416 -15.24 5.45 15.39
C LEU A 416 -14.62 6.09 14.17
N LEU A 417 -15.34 7.02 13.55
CA LEU A 417 -14.84 7.70 12.37
C LEU A 417 -14.02 8.91 12.78
N ASN A 418 -13.90 9.06 14.10
CA ASN A 418 -13.33 10.24 14.71
C ASN A 418 -12.09 10.78 14.03
N SER A 419 -11.09 9.94 13.88
CA SER A 419 -9.82 10.38 13.34
C SER A 419 -9.58 9.71 12.00
N ASN A 420 -10.15 8.53 11.84
CA ASN A 420 -9.82 7.72 10.68
C ASN A 420 -11.03 7.27 9.89
N MET A 421 -11.05 7.68 8.62
CA MET A 421 -12.09 7.29 7.69
C MET A 421 -11.97 5.86 7.25
N ASP A 422 -10.75 5.35 7.23
CA ASP A 422 -10.52 4.05 6.63
C ASP A 422 -11.00 2.93 7.55
N PHE A 423 -11.49 3.29 8.73
CA PHE A 423 -12.25 2.32 9.49
C PHE A 423 -13.60 2.18 8.86
N GLY A 424 -14.18 3.31 8.45
CA GLY A 424 -15.47 3.30 7.79
C GLY A 424 -15.56 2.47 6.53
N THR A 425 -14.56 2.55 5.65
CA THR A 425 -14.61 1.81 4.40
C THR A 425 -14.52 0.33 4.74
N ALA A 426 -13.79 0.01 5.80
CA ALA A 426 -13.67 -1.36 6.31
C ALA A 426 -15.01 -1.99 6.60
N ILE A 427 -15.79 -1.28 7.40
CA ILE A 427 -17.12 -1.71 7.79
C ILE A 427 -18.08 -1.81 6.61
N ILE A 428 -18.04 -0.83 5.72
CA ILE A 428 -18.93 -0.86 4.56
C ILE A 428 -18.59 -2.07 3.73
N ASN A 429 -17.32 -2.23 3.41
CA ASN A 429 -16.90 -3.40 2.66
C ASN A 429 -17.33 -4.66 3.40
N ALA A 430 -17.22 -4.62 4.72
CA ALA A 430 -17.64 -5.75 5.53
C ALA A 430 -19.15 -5.95 5.44
N SER A 431 -19.92 -4.89 5.68
CA SER A 431 -21.38 -4.95 5.62
C SER A 431 -21.87 -5.48 4.27
N ASN A 432 -21.23 -5.01 3.21
CA ASN A 432 -21.60 -5.45 1.87
C ASN A 432 -21.26 -6.91 1.63
N LYS A 433 -20.00 -7.30 1.87
CA LYS A 433 -19.54 -8.67 1.62
C LYS A 433 -20.45 -9.71 2.27
N GLN A 434 -21.21 -9.28 3.26
CA GLN A 434 -22.16 -10.12 4.00
C GLN A 434 -23.61 -9.91 3.53
N GLY A 435 -23.78 -9.33 2.35
CA GLY A 435 -25.10 -9.09 1.79
C GLY A 435 -25.87 -7.96 2.44
N GLY A 436 -25.18 -6.82 2.65
CA GLY A 436 -25.82 -5.64 3.20
C GLY A 436 -26.32 -5.82 4.61
N TYR A 437 -25.54 -6.53 5.41
CA TYR A 437 -25.90 -6.76 6.79
C TYR A 437 -25.86 -5.45 7.56
N LEU A 438 -26.90 -5.21 8.35
CA LEU A 438 -26.98 -4.03 9.21
C LEU A 438 -26.82 -2.73 8.44
N ARG A 439 -27.15 -2.78 7.16
CA ARG A 439 -26.91 -1.67 6.24
C ARG A 439 -27.51 -0.34 6.66
N ASP A 440 -28.77 -0.32 7.06
CA ASP A 440 -29.43 0.94 7.32
C ASP A 440 -28.85 1.68 8.53
N ASP A 441 -28.46 0.93 9.54
CA ASP A 441 -27.91 1.54 10.73
C ASP A 441 -26.52 2.06 10.39
N VAL A 442 -25.83 1.32 9.51
CA VAL A 442 -24.57 1.78 8.91
C VAL A 442 -24.74 3.12 8.20
N ILE A 443 -25.76 3.19 7.33
CA ILE A 443 -26.05 4.43 6.62
C ILE A 443 -26.35 5.49 7.65
N ALA A 444 -27.20 5.13 8.60
CA ALA A 444 -27.64 6.04 9.62
C ALA A 444 -26.45 6.59 10.43
N GLN A 445 -25.43 5.77 10.62
CA GLN A 445 -24.29 6.17 11.44
C GLN A 445 -23.39 7.15 10.74
N LEU A 446 -23.36 7.05 9.42
CA LEU A 446 -22.55 7.91 8.58
C LEU A 446 -23.14 9.27 8.52
N ILE A 447 -24.45 9.29 8.32
CA ILE A 447 -25.18 10.53 8.24
C ILE A 447 -25.05 11.25 9.58
N GLN A 448 -24.86 10.49 10.64
CA GLN A 448 -24.63 11.08 11.95
C GLN A 448 -23.30 11.81 11.97
N LYS A 449 -22.26 11.21 11.42
CA LYS A 449 -20.91 11.78 11.52
C LYS A 449 -20.72 12.94 10.54
N TYR A 450 -21.34 12.83 9.36
CA TYR A 450 -21.05 13.79 8.30
C TYR A 450 -22.22 14.74 7.93
N TYR A 451 -23.45 14.37 8.26
CA TYR A 451 -24.59 15.24 7.95
C TYR A 451 -25.66 15.28 9.04
N PRO A 452 -25.26 15.55 10.30
CA PRO A 452 -26.24 15.46 11.40
C PRO A 452 -27.35 16.51 11.30
N GLU A 453 -28.61 16.13 11.08
CA GLU A 453 -29.66 17.16 10.95
C GLU A 453 -29.88 17.89 12.27
N LYS A 454 -28.81 18.45 12.81
CA LYS A 454 -28.86 19.33 13.96
C LYS A 454 -27.84 20.44 13.73
N SER A 455 -27.95 21.15 12.61
CA SER A 455 -26.92 22.11 12.26
C SER A 455 -27.31 23.05 11.11
N ASP A 456 -26.76 24.26 11.13
CA ASP A 456 -26.79 25.15 9.97
C ASP A 456 -25.87 24.51 8.94
N ALA A 457 -24.58 24.70 9.18
CA ALA A 457 -23.53 24.12 8.35
C ALA A 457 -23.72 22.63 8.25
N LYS A 458 -23.76 22.08 7.04
CA LYS A 458 -24.00 20.67 6.99
C LYS A 458 -23.26 19.91 5.88
N ASN A 459 -22.66 20.61 4.93
CA ASN A 459 -21.89 19.93 3.89
C ASN A 459 -21.14 18.72 4.38
N ILE A 460 -21.30 17.60 3.68
CA ILE A 460 -20.29 16.55 3.69
C ILE A 460 -19.06 17.17 3.06
N LEU A 461 -19.27 18.20 2.26
CA LEU A 461 -18.17 18.87 1.62
C LEU A 461 -17.22 19.46 2.64
N GLU A 462 -17.71 19.76 3.84
CA GLU A 462 -16.81 20.21 4.89
C GLU A 462 -16.57 19.13 5.94
N SER A 463 -17.56 18.27 6.18
CA SER A 463 -17.37 17.06 7.01
C SER A 463 -16.29 16.15 6.47
N CYS A 464 -16.37 15.91 5.15
CA CYS A 464 -15.69 14.81 4.51
C CYS A 464 -14.47 15.21 3.72
N LEU A 465 -14.54 16.33 3.02
CA LEU A 465 -13.32 16.95 2.51
C LEU A 465 -13.13 18.11 3.42
N LEU A 466 -11.92 18.47 3.78
CA LEU A 466 -11.84 19.60 4.69
C LEU A 466 -11.78 20.85 3.83
N LEU A 467 -12.80 20.95 2.95
CA LEU A 467 -12.94 21.92 1.87
C LEU A 467 -12.38 23.32 2.13
N SER A 468 -12.94 24.01 3.11
CA SER A 468 -12.47 25.36 3.44
C SER A 468 -10.98 25.36 3.72
N ALA A 469 -10.51 24.29 4.36
CA ALA A 469 -9.11 24.15 4.73
C ALA A 469 -8.28 23.44 3.67
N SER A 470 -8.83 23.29 2.46
CA SER A 470 -8.16 22.50 1.44
C SER A 470 -7.29 23.32 0.50
N THR A 471 -6.89 22.71 -0.61
CA THR A 471 -6.12 23.43 -1.60
C THR A 471 -7.01 24.13 -2.61
N LEU A 472 -8.29 24.28 -2.30
CA LEU A 472 -9.20 24.82 -3.31
C LEU A 472 -8.95 26.31 -3.56
N GLY A 473 -8.04 26.60 -4.50
CA GLY A 473 -7.74 27.95 -4.94
C GLY A 473 -6.79 28.77 -4.05
N ASN A 474 -5.53 28.35 -3.97
CA ASN A 474 -4.61 28.81 -2.90
C ASN A 474 -3.83 30.12 -3.02
N THR A 475 -3.86 30.75 -4.20
CA THR A 475 -2.86 31.74 -4.61
C THR A 475 -1.53 31.00 -4.80
N ARG A 476 -0.98 30.47 -3.69
CA ARG A 476 0.15 29.54 -3.69
C ARG A 476 -0.14 28.35 -4.62
N ASP A 477 0.67 28.19 -5.65
CA ASP A 477 0.39 27.26 -6.75
C ASP A 477 0.37 25.77 -6.34
N ASP A 478 -0.48 25.42 -5.37
CA ASP A 478 -0.43 24.08 -4.76
C ASP A 478 -1.37 23.05 -5.38
N TRP A 479 -0.82 21.87 -5.67
CA TRP A 479 -1.61 20.75 -6.17
C TRP A 479 -2.43 20.14 -5.06
N PRO A 480 -3.44 19.34 -5.42
CA PRO A 480 -4.15 18.61 -4.38
C PRO A 480 -3.22 17.63 -3.68
N THR A 481 -3.49 17.40 -2.39
CA THR A 481 -2.70 16.49 -1.58
C THR A 481 -3.12 15.04 -1.82
N ALA A 482 -2.30 14.10 -1.35
CA ALA A 482 -2.68 12.69 -1.41
C ALA A 482 -3.89 12.43 -0.51
N GLU A 483 -3.92 13.12 0.63
CA GLU A 483 -5.01 12.98 1.57
C GLU A 483 -6.31 13.45 0.96
N GLU A 484 -6.27 14.57 0.24
CA GLU A 484 -7.47 15.10 -0.41
C GLU A 484 -8.04 14.07 -1.34
N ARG A 485 -7.18 13.44 -2.14
CA ARG A 485 -7.59 12.38 -3.01
C ARG A 485 -8.19 11.25 -2.18
N ARG A 486 -7.46 10.88 -1.14
CA ARG A 486 -7.90 9.84 -0.25
C ARG A 486 -9.32 10.12 0.26
N ARG A 487 -9.54 11.34 0.74
CA ARG A 487 -10.88 11.80 1.14
C ARG A 487 -11.93 11.71 0.03
N SER A 488 -11.63 12.32 -1.12
CA SER A 488 -12.53 12.30 -2.27
C SER A 488 -13.02 10.89 -2.55
N VAL A 489 -12.09 9.96 -2.70
CA VAL A 489 -12.45 8.58 -3.00
C VAL A 489 -13.44 8.01 -2.00
N PHE A 490 -13.19 8.25 -0.73
CA PHE A 490 -14.08 7.83 0.32
C PHE A 490 -15.48 8.30 0.00
N LEU A 491 -15.61 9.62 -0.15
CA LEU A 491 -16.87 10.27 -0.50
C LEU A 491 -17.49 9.67 -1.74
N GLU A 492 -16.67 9.47 -2.76
CA GLU A 492 -17.19 8.90 -4.00
C GLU A 492 -17.91 7.59 -3.75
N GLN A 493 -17.39 6.72 -2.88
CA GLN A 493 -18.06 5.45 -2.70
C GLN A 493 -19.24 5.60 -1.78
N LEU A 494 -19.20 6.59 -0.92
CA LEU A 494 -20.38 6.91 -0.13
C LEU A 494 -21.53 7.14 -1.09
N ILE A 495 -21.25 7.94 -2.12
CA ILE A 495 -22.20 8.24 -3.19
C ILE A 495 -22.73 6.95 -3.80
N ASP A 496 -21.81 6.04 -4.11
CA ASP A 496 -22.17 4.77 -4.69
C ASP A 496 -23.01 3.93 -3.74
N TYR A 497 -22.67 3.99 -2.46
CA TYR A 497 -23.30 3.16 -1.45
C TYR A 497 -24.81 3.37 -1.45
N ASP A 498 -25.28 4.61 -1.38
CA ASP A 498 -26.72 4.83 -1.33
C ASP A 498 -27.16 6.17 -1.90
N ASP A 499 -28.33 6.20 -2.53
CA ASP A 499 -28.97 7.45 -3.00
C ASP A 499 -28.88 8.57 -1.96
N LYS A 500 -29.11 8.20 -0.70
CA LYS A 500 -29.09 9.10 0.44
C LYS A 500 -27.85 10.02 0.36
N PHE A 501 -26.70 9.42 0.09
CA PHE A 501 -25.44 10.17 0.03
C PHE A 501 -25.28 11.02 -1.23
N LEU A 502 -25.67 10.50 -2.39
CA LEU A 502 -25.71 11.31 -3.59
C LEU A 502 -26.50 12.61 -3.39
N ASN A 503 -27.69 12.49 -2.83
CA ASN A 503 -28.50 13.67 -2.57
C ASN A 503 -27.87 14.60 -1.56
N ILE A 504 -27.32 14.03 -0.51
CA ILE A 504 -26.71 14.86 0.53
C ILE A 504 -25.54 15.72 -0.01
N THR A 505 -24.79 15.22 -0.98
CA THR A 505 -23.65 15.98 -1.47
C THR A 505 -24.09 16.99 -2.50
N ILE A 506 -25.08 16.62 -3.29
CA ILE A 506 -25.67 17.58 -4.21
C ILE A 506 -26.14 18.80 -3.44
N ASP A 507 -26.94 18.56 -2.41
CA ASP A 507 -27.45 19.66 -1.61
C ASP A 507 -26.33 20.38 -0.88
N SER A 508 -25.24 19.69 -0.60
CA SER A 508 -24.11 20.38 0.00
C SER A 508 -23.44 21.29 -1.05
N MET A 509 -23.34 20.82 -2.29
CA MET A 509 -22.78 21.62 -3.37
C MET A 509 -23.68 22.84 -3.62
N LEU A 510 -24.99 22.58 -3.59
CA LEU A 510 -25.95 23.63 -3.85
C LEU A 510 -25.93 24.67 -2.72
N ALA A 511 -25.75 24.17 -1.50
CA ALA A 511 -25.59 25.01 -0.33
C ALA A 511 -24.39 25.94 -0.42
N LEU A 512 -23.46 25.64 -1.32
CA LEU A 512 -22.25 26.45 -1.44
C LEU A 512 -22.51 27.72 -2.20
N PRO A 513 -21.68 28.75 -1.94
CA PRO A 513 -21.51 29.88 -2.85
C PRO A 513 -21.21 29.33 -4.24
N GLU A 514 -21.81 29.89 -5.27
CA GLU A 514 -21.71 29.28 -6.58
C GLU A 514 -20.26 29.27 -7.08
N GLU A 515 -19.53 30.34 -6.85
CA GLU A 515 -18.17 30.40 -7.38
C GLU A 515 -17.31 29.30 -6.76
N ARG A 516 -17.66 28.92 -5.53
CA ARG A 516 -16.89 27.91 -4.84
C ARG A 516 -17.19 26.54 -5.41
N LEU A 517 -18.40 26.34 -5.89
CA LEU A 517 -18.69 25.12 -6.65
C LEU A 517 -17.99 25.17 -8.01
N ILE A 518 -17.86 26.35 -8.57
CA ILE A 518 -17.17 26.50 -9.84
C ILE A 518 -15.73 26.14 -9.64
N GLN A 519 -15.17 26.65 -8.55
CA GLN A 519 -13.78 26.40 -8.20
C GLN A 519 -13.50 24.92 -8.16
N MET A 520 -14.44 24.16 -7.62
CA MET A 520 -14.36 22.71 -7.56
C MET A 520 -14.15 22.08 -8.91
N CYS A 521 -14.70 22.71 -9.94
CA CYS A 521 -14.72 22.15 -11.28
C CYS A 521 -13.36 22.19 -11.92
N TYR A 522 -12.54 23.11 -11.45
CA TYR A 522 -11.25 23.29 -12.05
C TYR A 522 -10.15 22.64 -11.21
N HIS A 523 -10.55 21.95 -10.14
CA HIS A 523 -9.61 21.38 -9.17
C HIS A 523 -9.29 19.91 -9.50
N GLY A 524 -8.00 19.56 -9.34
CA GLY A 524 -7.48 18.27 -9.74
C GLY A 524 -8.20 17.04 -9.23
N VAL A 525 -8.54 17.01 -7.94
CA VAL A 525 -9.27 15.84 -7.47
C VAL A 525 -10.73 16.18 -7.26
N PHE A 526 -11.02 17.35 -6.68
CA PHE A 526 -12.39 17.75 -6.38
C PHE A 526 -13.33 17.78 -7.59
N SER A 527 -12.82 18.10 -8.77
CA SER A 527 -13.66 18.06 -9.95
C SER A 527 -14.22 16.68 -10.17
N HIS A 528 -13.41 15.66 -9.90
CA HIS A 528 -13.84 14.29 -10.10
C HIS A 528 -15.03 13.97 -9.21
N VAL A 529 -15.08 14.64 -8.06
CA VAL A 529 -16.21 14.55 -7.15
C VAL A 529 -17.44 15.17 -7.80
N VAL A 530 -17.28 16.34 -8.42
CA VAL A 530 -18.40 16.96 -9.13
C VAL A 530 -18.94 16.04 -10.19
N GLU A 531 -18.06 15.56 -11.06
CA GLU A 531 -18.55 14.78 -12.17
C GLU A 531 -19.14 13.48 -11.69
N HIS A 532 -18.72 13.05 -10.52
CA HIS A 532 -19.18 11.78 -10.00
C HIS A 532 -20.62 11.89 -9.51
N VAL A 533 -21.07 13.11 -9.32
CA VAL A 533 -22.40 13.42 -8.81
C VAL A 533 -23.43 13.40 -9.95
N LEU A 534 -22.94 13.50 -11.18
CA LEU A 534 -23.76 13.61 -12.40
C LEU A 534 -24.31 12.27 -12.88
N GLN A 535 -25.08 11.62 -12.02
CA GLN A 535 -25.63 10.31 -12.32
C GLN A 535 -27.06 10.45 -12.80
N THR A 536 -27.23 10.72 -14.09
CA THR A 536 -28.50 11.25 -14.62
C THR A 536 -29.75 10.47 -14.15
N THR A 537 -29.61 9.17 -14.01
CA THR A 537 -30.69 8.27 -13.57
C THR A 537 -30.97 8.32 -12.09
N ARG A 538 -29.92 8.55 -11.32
CA ARG A 538 -30.00 8.55 -9.88
C ARG A 538 -30.42 9.90 -9.30
N VAL A 539 -30.41 10.95 -10.11
CA VAL A 539 -30.73 12.30 -9.64
C VAL A 539 -32.05 12.82 -10.23
N ASP A 540 -32.88 13.44 -9.40
CA ASP A 540 -34.18 13.89 -9.87
C ASP A 540 -34.04 15.26 -10.52
N ILE A 541 -35.04 15.66 -11.30
CA ILE A 541 -34.89 16.79 -12.21
C ILE A 541 -34.71 18.11 -11.51
N ILE A 542 -35.43 18.32 -10.43
CA ILE A 542 -35.30 19.59 -9.73
C ILE A 542 -33.84 19.80 -9.34
N LYS A 543 -33.18 18.74 -8.87
CA LYS A 543 -31.78 18.85 -8.51
C LYS A 543 -30.97 19.02 -9.79
N ARG A 544 -31.30 18.24 -10.81
CA ARG A 544 -30.62 18.34 -12.09
C ARG A 544 -30.73 19.75 -12.64
N LYS A 545 -31.95 20.25 -12.80
CA LYS A 545 -32.19 21.64 -13.17
C LYS A 545 -31.33 22.60 -12.36
N MET A 546 -31.35 22.47 -11.05
CA MET A 546 -30.60 23.40 -10.21
C MET A 546 -29.12 23.28 -10.47
N LEU A 547 -28.61 22.05 -10.62
CA LEU A 547 -27.18 21.87 -10.90
C LEU A 547 -26.79 22.48 -12.25
N LEU A 548 -27.57 22.13 -13.28
CA LEU A 548 -27.41 22.63 -14.63
C LEU A 548 -27.30 24.13 -14.66
N ASN A 549 -28.15 24.76 -13.85
CA ASN A 549 -28.18 26.20 -13.80
C ASN A 549 -26.89 26.85 -13.37
N ILE A 550 -26.15 26.19 -12.50
CA ILE A 550 -24.88 26.76 -12.08
C ILE A 550 -23.81 26.53 -13.13
N LEU A 551 -23.78 25.33 -13.69
CA LEU A 551 -22.74 24.96 -14.64
C LEU A 551 -22.91 25.57 -16.02
N SER A 552 -24.15 25.83 -16.43
CA SER A 552 -24.40 26.39 -17.75
C SER A 552 -23.78 27.78 -17.87
N LYS A 553 -23.83 28.51 -16.78
CA LYS A 553 -23.21 29.83 -16.72
C LYS A 553 -21.74 29.81 -17.14
N GLU A 554 -21.12 28.64 -17.16
CA GLU A 554 -19.70 28.54 -17.47
C GLU A 554 -19.40 27.44 -18.50
N SER A 555 -20.38 27.10 -19.32
CA SER A 555 -20.25 26.10 -20.36
C SER A 555 -18.92 26.09 -21.12
N VAL A 556 -18.48 27.20 -21.67
CA VAL A 556 -17.32 27.13 -22.54
C VAL A 556 -16.00 27.08 -21.76
N ASN A 557 -15.87 27.90 -20.71
CA ASN A 557 -14.72 27.82 -19.83
C ASN A 557 -14.48 26.43 -19.27
N LEU A 558 -15.59 25.71 -19.09
CA LEU A 558 -15.54 24.36 -18.57
C LEU A 558 -15.00 23.40 -19.60
N ALA A 559 -15.52 23.43 -20.82
CA ALA A 559 -15.13 22.46 -21.84
C ALA A 559 -13.72 22.66 -22.38
N CYS A 560 -13.09 23.78 -22.05
CA CYS A 560 -11.74 24.04 -22.52
C CYS A 560 -10.74 23.84 -21.37
N ASN A 561 -11.22 23.36 -20.23
CA ASN A 561 -10.34 23.07 -19.11
C ASN A 561 -10.11 21.57 -19.01
N VAL A 562 -8.89 21.19 -18.63
CA VAL A 562 -8.51 19.79 -18.53
C VAL A 562 -9.54 18.94 -17.80
N TYR A 563 -10.01 19.47 -16.67
CA TYR A 563 -10.95 18.78 -15.80
C TYR A 563 -12.40 19.07 -16.15
N GLY A 564 -12.72 20.35 -16.27
CA GLY A 564 -14.06 20.79 -16.61
C GLY A 564 -14.68 20.04 -17.77
N SER A 565 -13.86 19.67 -18.76
CA SER A 565 -14.35 19.02 -19.96
C SER A 565 -15.08 17.74 -19.64
N HIS A 566 -14.62 17.03 -18.61
CA HIS A 566 -15.28 15.80 -18.21
C HIS A 566 -16.62 16.10 -17.57
N ILE A 567 -16.67 17.17 -16.80
CA ILE A 567 -17.93 17.60 -16.24
C ILE A 567 -18.89 17.97 -17.39
N MET A 568 -18.39 18.71 -18.38
CA MET A 568 -19.17 19.07 -19.56
C MET A 568 -19.57 17.88 -20.44
N ASP A 569 -18.68 16.92 -20.60
CA ASP A 569 -18.98 15.72 -21.34
C ASP A 569 -20.19 14.99 -20.75
N LYS A 570 -20.21 14.84 -19.43
CA LYS A 570 -21.24 14.05 -18.76
C LYS A 570 -22.60 14.75 -18.81
N LEU A 571 -22.55 16.09 -18.92
CA LEU A 571 -23.72 16.95 -19.04
C LEU A 571 -24.55 16.68 -20.29
N TRP A 572 -23.98 15.97 -21.25
CA TRP A 572 -24.68 15.61 -22.46
C TRP A 572 -25.80 14.63 -22.14
N GLU A 573 -25.49 13.60 -21.36
CA GLU A 573 -26.48 12.65 -20.85
C GLU A 573 -27.24 13.26 -19.69
N PHE A 574 -26.53 14.02 -18.86
CA PHE A 574 -27.09 14.50 -17.60
C PHE A 574 -28.30 15.36 -17.86
N THR A 575 -28.57 15.60 -19.14
CA THR A 575 -29.45 16.66 -19.52
C THR A 575 -30.64 16.15 -20.36
N ALA A 576 -30.74 14.83 -20.47
CA ALA A 576 -31.88 14.22 -21.13
C ALA A 576 -33.17 14.57 -20.39
N LYS A 577 -34.26 14.75 -21.13
CA LYS A 577 -35.56 15.16 -20.58
C LYS A 577 -35.46 16.55 -19.96
N LEU A 578 -34.33 17.22 -20.16
CA LEU A 578 -34.14 18.58 -19.71
C LEU A 578 -33.51 19.36 -20.84
N THR A 579 -34.13 19.29 -22.01
CA THR A 579 -33.40 19.66 -23.21
C THR A 579 -33.54 21.11 -23.60
N LEU A 580 -34.29 21.90 -22.83
CA LEU A 580 -34.17 23.34 -22.99
C LEU A 580 -32.82 23.79 -22.39
N TYR A 581 -32.15 22.86 -21.71
CA TYR A 581 -30.81 23.09 -21.17
C TYR A 581 -29.74 22.53 -22.11
N LYS A 582 -30.08 21.49 -22.86
CA LYS A 582 -29.17 21.02 -23.88
C LYS A 582 -28.97 22.15 -24.86
N GLU A 583 -30.10 22.63 -25.38
CA GLU A 583 -30.14 23.74 -26.31
C GLU A 583 -29.27 24.88 -25.80
N ARG A 584 -29.53 25.24 -24.55
CA ARG A 584 -28.83 26.31 -23.86
C ARG A 584 -27.31 26.23 -24.03
N ILE A 585 -26.75 25.09 -23.65
CA ILE A 585 -25.32 24.83 -23.71
C ILE A 585 -24.79 24.74 -25.13
N ALA A 586 -25.43 23.92 -25.96
CA ALA A 586 -25.05 23.77 -27.35
C ALA A 586 -24.92 25.13 -27.99
N ARG A 587 -25.94 25.96 -27.77
CA ARG A 587 -25.93 27.32 -28.25
C ARG A 587 -24.68 28.02 -27.75
N ALA A 588 -24.38 27.85 -26.46
CA ALA A 588 -23.25 28.54 -25.86
C ALA A 588 -21.93 28.13 -26.49
N LEU A 589 -21.80 26.84 -26.80
CA LEU A 589 -20.55 26.30 -27.28
C LEU A 589 -20.30 26.67 -28.72
N VAL A 590 -21.35 26.59 -29.54
CA VAL A 590 -21.27 26.96 -30.95
C VAL A 590 -21.00 28.47 -31.11
N LEU A 591 -21.53 29.25 -30.17
CA LEU A 591 -21.22 30.66 -30.04
C LEU A 591 -19.72 30.95 -29.97
N GLU A 592 -18.94 29.96 -29.58
CA GLU A 592 -17.50 30.13 -29.37
C GLU A 592 -16.74 29.04 -30.11
N THR A 593 -17.19 28.72 -31.32
CA THR A 593 -16.65 27.62 -32.09
C THR A 593 -15.12 27.57 -32.17
N GLU A 594 -14.50 28.67 -32.59
CA GLU A 594 -13.07 28.64 -32.84
C GLU A 594 -12.26 28.57 -31.54
N LYS A 595 -12.80 29.10 -30.45
CA LYS A 595 -12.14 28.93 -29.16
C LYS A 595 -12.17 27.47 -28.75
N VAL A 596 -13.32 26.83 -29.01
CA VAL A 596 -13.58 25.46 -28.57
C VAL A 596 -12.82 24.40 -29.37
N LYS A 597 -13.03 24.31 -30.69
CA LYS A 597 -12.12 23.48 -31.50
C LYS A 597 -10.77 24.16 -31.43
N ASN A 598 -9.70 23.40 -31.65
CA ASN A 598 -8.32 23.83 -31.36
C ASN A 598 -8.13 24.27 -29.89
N SER A 599 -9.12 23.97 -29.05
CA SER A 599 -8.86 23.67 -27.64
C SER A 599 -8.74 22.17 -27.57
N ILE A 600 -7.57 21.70 -27.13
CA ILE A 600 -7.30 20.28 -26.93
C ILE A 600 -8.52 19.58 -26.36
N TYR A 601 -8.97 20.13 -25.24
CA TYR A 601 -10.04 19.57 -24.48
C TYR A 601 -11.37 19.99 -25.08
N GLY A 602 -11.45 21.21 -25.59
CA GLY A 602 -12.65 21.66 -26.26
C GLY A 602 -13.09 20.78 -27.43
N ARG A 603 -12.17 20.51 -28.35
CA ARG A 603 -12.50 19.77 -29.56
C ARG A 603 -13.16 18.43 -29.26
N GLN A 604 -12.93 17.94 -28.04
CA GLN A 604 -13.39 16.63 -27.65
C GLN A 604 -14.86 16.63 -27.24
N VAL A 605 -15.21 17.61 -26.43
CA VAL A 605 -16.60 17.92 -26.09
C VAL A 605 -17.44 18.16 -27.34
N TRP A 606 -16.84 18.85 -28.29
CA TRP A 606 -17.48 19.11 -29.57
C TRP A 606 -18.00 17.84 -30.24
N LYS A 607 -17.14 16.84 -30.31
CA LYS A 607 -17.52 15.51 -30.79
C LYS A 607 -18.67 14.93 -29.99
N ASN A 608 -18.53 14.91 -28.67
CA ASN A 608 -19.46 14.21 -27.81
C ASN A 608 -20.83 14.85 -27.73
N TRP A 609 -20.88 16.16 -27.85
CA TRP A 609 -22.16 16.82 -27.94
C TRP A 609 -22.69 16.77 -29.37
N LYS A 610 -21.90 16.18 -30.27
CA LYS A 610 -22.32 16.03 -31.66
C LYS A 610 -22.62 17.39 -32.26
N LEU A 611 -21.78 18.35 -31.93
CA LEU A 611 -22.06 19.71 -32.35
C LEU A 611 -21.88 19.86 -33.85
N GLU A 612 -21.14 18.95 -34.47
CA GLU A 612 -21.01 18.97 -35.92
C GLU A 612 -22.39 18.81 -36.58
N LEU A 613 -23.23 17.96 -36.00
CA LEU A 613 -24.61 17.80 -36.45
C LEU A 613 -25.44 19.06 -36.32
N TYR A 614 -25.43 19.60 -35.10
CA TYR A 614 -26.08 20.86 -34.75
C TYR A 614 -25.87 21.93 -35.82
N VAL A 615 -24.61 22.08 -36.21
CA VAL A 615 -24.19 23.14 -37.10
C VAL A 615 -24.64 22.95 -38.56
N ARG A 616 -24.84 21.70 -38.94
CA ARG A 616 -25.10 21.36 -40.34
C ARG A 616 -26.43 20.70 -40.57
N LYS A 617 -26.81 19.80 -39.68
CA LYS A 617 -28.10 19.12 -39.82
C LYS A 617 -28.83 19.11 -38.47
N MET A 618 -29.07 20.32 -37.99
CA MET A 618 -29.86 20.65 -36.81
C MET A 618 -31.08 19.77 -36.58
N TRP A 619 -31.70 19.33 -37.66
CA TRP A 619 -32.83 18.44 -37.55
C TRP A 619 -32.38 17.10 -37.04
N ASP A 620 -31.34 16.55 -37.69
CA ASP A 620 -30.73 15.28 -37.30
C ASP A 620 -30.24 15.27 -35.86
N TRP A 621 -29.77 16.43 -35.40
CA TRP A 621 -29.44 16.63 -33.99
C TRP A 621 -30.65 16.38 -33.12
N LYS A 622 -31.68 17.20 -33.28
CA LYS A 622 -32.89 17.07 -32.45
C LYS A 622 -33.49 15.66 -32.48
N LYS A 623 -33.03 14.84 -33.43
CA LYS A 623 -33.34 13.41 -33.47
C LYS A 623 -32.63 12.67 -32.35
N LEU A 624 -31.31 12.62 -32.47
CA LEU A 624 -30.39 12.08 -31.46
C LEU A 624 -30.83 12.33 -30.03
N ILE A 625 -31.21 13.57 -29.76
CA ILE A 625 -31.67 13.95 -28.44
C ILE A 625 -32.88 13.11 -28.03
N LYS A 626 -33.82 12.98 -28.95
CA LYS A 626 -35.00 12.19 -28.69
C LYS A 626 -34.61 10.72 -28.59
N GLU A 627 -33.66 10.29 -29.42
CA GLU A 627 -33.08 8.95 -29.29
C GLU A 627 -32.57 8.72 -27.87
N GLN A 628 -31.64 9.56 -27.43
CA GLN A 628 -30.98 9.36 -26.15
C GLN A 628 -31.94 9.47 -24.96
N GLU A 629 -33.10 10.07 -25.16
CA GLU A 629 -34.06 10.14 -24.07
C GLU A 629 -34.58 8.73 -23.76
N PHE A 630 -35.01 8.01 -24.80
CA PHE A 630 -35.58 6.69 -24.59
C PHE A 630 -34.48 5.62 -24.54
N GLU A 631 -33.23 6.09 -24.65
CA GLU A 631 -32.07 5.25 -24.52
C GLU A 631 -31.76 5.15 -23.05
N ILE A 632 -32.22 6.16 -22.33
CA ILE A 632 -32.01 6.30 -20.90
C ILE A 632 -33.26 5.82 -20.14
N PHE A 633 -34.43 6.01 -20.76
CA PHE A 633 -35.70 5.68 -20.13
C PHE A 633 -36.57 4.79 -21.02
#